data_9Q3W
#
_entry.id   9Q3W
#
_cell.length_a   178.630
_cell.length_b   178.630
_cell.length_c   178.630
_cell.angle_alpha   90.000
_cell.angle_beta   90.000
_cell.angle_gamma   90.000
#
_symmetry.space_group_name_H-M   'I 41 3 2'
#
loop_
_entity.id
_entity.type
_entity.pdbx_description
1 polymer "DNA (5'-D(*CP*GP*AP*TP*GP*CP*CP*TP*GP*TP*AP*CP*GP*GP*AP*CP*AP*GP*AP*TP*CP*A)-3')"
2 polymer "DNA (5'-D(P*CP*CP*GP*TP*AP*CP*A)-3')"
3 polymer "DNA (5'-D(P*GP*GP*CP*AP*TP*CP*G)-3')"
4 polymer "DNA (5'-D(*TP*GP*AP*TP*CP*TP*GP*T)-3')"
#
loop_
_entity_poly.entity_id
_entity_poly.type
_entity_poly.pdbx_seq_one_letter_code
_entity_poly.pdbx_strand_id
1 'polydeoxyribonucleotide'
;(DC)(DG)(DA)(DT)(DG)(DC)(DC)(DT)(DG)(DT)(DA)(DC)(DG)(DG)(DA)(DC)(DA)(DG)(DA)(DT)
(DC)(DA)
;
A
2 'polydeoxyribonucleotide' (DC)(DC)(DG)(DT)(DA)(DC)(DA) B
3 'polydeoxyribonucleotide' (DG)(DG)(DC)(DA)(DT)(DC)(DG) C
4 'polydeoxyribonucleotide' (DT)(DG)(DA)(DT)(DC)(DT)(DG)(DT) D
#
loop_
_chem_comp.id
_chem_comp.type
_chem_comp.name
_chem_comp.formula
DA DNA linking 2'-DEOXYADENOSINE-5'-MONOPHOSPHATE 'C10 H14 N5 O6 P'
DC DNA linking 2'-DEOXYCYTIDINE-5'-MONOPHOSPHATE 'C9 H14 N3 O7 P'
DG DNA linking 2'-DEOXYGUANOSINE-5'-MONOPHOSPHATE 'C10 H14 N5 O7 P'
DT DNA linking THYMIDINE-5'-MONOPHOSPHATE 'C10 H15 N2 O8 P'
#